data_9I72
#
_entry.id   9I72
#
_cell.length_a   81.957
_cell.length_b   112.462
_cell.length_c   62.477
_cell.angle_alpha   90.00
_cell.angle_beta   90.00
_cell.angle_gamma   90.00
#
_symmetry.space_group_name_H-M   'C 2 2 21'
#
loop_
_entity.id
_entity.type
_entity.pdbx_description
1 polymer '14-3-3 protein sigma'
2 polymer 'Estrogen receptor'
3 non-polymer 2-chloranyl-~{N}-[4-(3-phenylazanylimidazo[1,2-a]pyridin-2-yl)phenyl]ethanamide
4 non-polymer 'CALCIUM ION'
5 non-polymer 'CHLORIDE ION'
6 non-polymer 'MAGNESIUM ION'
7 water water
#
loop_
_entity_poly.entity_id
_entity_poly.type
_entity_poly.pdbx_seq_one_letter_code
_entity_poly.pdbx_strand_id
1 'polypeptide(L)'
;GAMGSMERASLIQKAKLAEQAERYEDMAAFMKGAVEKGEELSCEERNLLSVAYKNVVGGQRAAWRVLSSIEQKSNEEGSE
EKGPEVREYREKVETELQGVCDTVLGLLDSHLIKEAGDAESRVFYLKMKGDYYRYLAEVATGDDKKRIIDSARSAYQEAM
DISKKEMPPTNPIRLGLALNFSVFHYEIANSPEEAISLAKTTFDEAMADLHTLSEDSYKDSTLIMQLLRDNLTLWT
;
A
2 'polypeptide(L)' FPA(TPO)V B
#
# COMPACT_ATOMS: atom_id res chain seq x y z
N GLY A 1 10.48 4.07 22.80
CA GLY A 1 10.92 4.04 21.41
C GLY A 1 12.43 4.18 21.33
N ALA A 2 13.06 3.32 20.51
CA ALA A 2 14.50 3.33 20.32
C ALA A 2 14.95 4.65 19.71
N MET A 3 14.04 5.36 19.02
CA MET A 3 14.37 6.62 18.40
C MET A 3 13.93 7.82 19.24
N GLY A 4 13.48 7.58 20.47
CA GLY A 4 12.96 8.60 21.33
C GLY A 4 13.95 9.72 21.67
N SER A 5 15.25 9.39 21.67
CA SER A 5 16.25 10.38 21.99
C SER A 5 16.79 11.15 20.80
N MET A 6 16.39 10.79 19.58
CA MET A 6 16.89 11.48 18.40
C MET A 6 15.94 12.58 17.95
N GLU A 7 16.51 13.75 17.58
CA GLU A 7 15.73 14.86 17.07
C GLU A 7 14.86 14.46 15.87
N ARG A 8 13.65 15.01 15.80
CA ARG A 8 12.80 14.81 14.63
C ARG A 8 13.55 15.11 13.33
N ALA A 9 14.21 16.28 13.25
CA ALA A 9 14.86 16.65 12.01
C ALA A 9 15.99 15.68 11.66
N SER A 10 16.69 15.16 12.65
CA SER A 10 17.75 14.19 12.43
C SER A 10 17.21 12.86 11.93
N LEU A 11 16.05 12.45 12.45
CA LEU A 11 15.38 11.25 11.97
C LEU A 11 15.01 11.37 10.49
N ILE A 12 14.45 12.53 10.12
CA ILE A 12 14.10 12.78 8.73
C ILE A 12 15.35 12.80 7.84
N GLN A 13 16.41 13.48 8.28
CA GLN A 13 17.66 13.50 7.53
C GLN A 13 18.20 12.09 7.31
N LYS A 14 18.20 11.29 8.37
CA LYS A 14 18.70 9.93 8.28
C LYS A 14 17.81 9.01 7.45
N ALA A 15 16.49 9.25 7.46
CA ALA A 15 15.63 8.52 6.56
C ALA A 15 15.99 8.74 5.09
N LYS A 16 16.34 9.99 4.75
CA LYS A 16 16.77 10.32 3.40
C LYS A 16 18.09 9.65 3.05
N LEU A 17 19.03 9.62 3.99
CA LEU A 17 20.30 8.91 3.79
C LEU A 17 20.09 7.41 3.62
N ALA A 18 19.20 6.83 4.44
CA ALA A 18 18.90 5.42 4.36
C ALA A 18 18.31 5.08 2.98
N GLU A 19 17.42 5.96 2.48
CA GLU A 19 16.88 5.77 1.15
C GLU A 19 17.99 5.74 0.09
N GLN A 20 18.93 6.70 0.16
CA GLN A 20 20.04 6.73 -0.78
C GLN A 20 20.89 5.47 -0.74
N ALA A 21 21.05 4.91 0.47
CA ALA A 21 21.80 3.69 0.70
C ALA A 21 21.00 2.41 0.49
N GLU A 22 19.72 2.55 0.10
CA GLU A 22 18.80 1.43 -0.05
C GLU A 22 18.69 0.56 1.20
N ARG A 23 18.69 1.24 2.35
CA ARG A 23 18.54 0.63 3.66
C ARG A 23 17.13 0.88 4.16
N TYR A 24 16.17 0.15 3.59
CA TYR A 24 14.77 0.49 3.80
C TYR A 24 14.25 0.16 5.20
N GLU A 25 14.79 -0.90 5.83
CA GLU A 25 14.45 -1.20 7.21
C GLU A 25 14.85 -0.03 8.11
N ASP A 26 16.07 0.47 7.92
CA ASP A 26 16.49 1.64 8.69
C ASP A 26 15.61 2.85 8.39
N MET A 27 15.31 3.06 7.10
CA MET A 27 14.48 4.18 6.68
C MET A 27 13.13 4.13 7.41
N ALA A 28 12.54 2.93 7.47
CA ALA A 28 11.25 2.77 8.11
C ALA A 28 11.34 3.04 9.62
N ALA A 29 12.40 2.56 10.26
CA ALA A 29 12.58 2.77 11.69
C ALA A 29 12.76 4.26 12.00
N PHE A 30 13.52 4.98 11.14
CA PHE A 30 13.67 6.41 11.33
C PHE A 30 12.34 7.13 11.20
N MET A 31 11.55 6.75 10.17
CA MET A 31 10.28 7.43 9.95
C MET A 31 9.26 7.09 11.03
N LYS A 32 9.27 5.86 11.56
CA LYS A 32 8.45 5.52 12.71
C LYS A 32 8.80 6.44 13.87
N GLY A 33 10.10 6.62 14.13
CA GLY A 33 10.53 7.53 15.17
C GLY A 33 10.01 8.95 14.95
N ALA A 34 10.08 9.41 13.70
CA ALA A 34 9.59 10.75 13.39
C ALA A 34 8.09 10.87 13.64
N VAL A 35 7.32 9.88 13.22
CA VAL A 35 5.89 9.90 13.48
C VAL A 35 5.59 9.97 14.98
N GLU A 36 6.35 9.19 15.75
CA GLU A 36 6.11 9.11 17.18
C GLU A 36 6.47 10.39 17.94
N LYS A 37 7.12 11.35 17.27
CA LYS A 37 7.28 12.68 17.86
C LYS A 37 5.95 13.38 18.08
N GLY A 38 4.90 12.95 17.35
CA GLY A 38 3.57 13.46 17.59
C GLY A 38 3.09 14.62 16.73
N GLU A 39 3.99 15.21 15.94
CA GLU A 39 3.64 16.29 15.04
C GLU A 39 3.14 15.69 13.73
N GLU A 40 2.29 16.45 13.05
CA GLU A 40 1.85 16.07 11.72
C GLU A 40 3.04 16.00 10.76
N LEU A 41 2.85 15.28 9.64
CA LEU A 41 3.87 15.09 8.64
C LEU A 41 3.56 15.97 7.44
N SER A 42 4.60 16.56 6.87
CA SER A 42 4.49 17.26 5.59
C SER A 42 4.29 16.28 4.44
N CYS A 43 3.99 16.80 3.25
CA CYS A 43 3.90 15.97 2.06
C CYS A 43 5.14 15.10 1.87
N GLU A 44 6.31 15.76 1.88
CA GLU A 44 7.56 15.05 1.68
C GLU A 44 7.72 13.96 2.72
N GLU A 45 7.44 14.29 3.99
CA GLU A 45 7.64 13.34 5.06
C GLU A 45 6.67 12.14 4.96
N ARG A 46 5.43 12.39 4.54
CA ARG A 46 4.46 11.33 4.35
C ARG A 46 4.97 10.34 3.29
N ASN A 47 5.59 10.89 2.24
CA ASN A 47 6.13 10.06 1.18
C ASN A 47 7.39 9.29 1.58
N LEU A 48 8.18 9.84 2.51
CA LEU A 48 9.29 9.08 3.06
C LEU A 48 8.78 7.89 3.86
N LEU A 49 7.74 8.13 4.67
CA LEU A 49 7.12 7.06 5.44
C LEU A 49 6.60 5.95 4.53
N SER A 50 5.85 6.33 3.49
CA SER A 50 5.25 5.34 2.62
CA SER A 50 5.25 5.37 2.60
C SER A 50 6.32 4.58 1.84
N VAL A 51 7.32 5.28 1.31
CA VAL A 51 8.36 4.60 0.55
C VAL A 51 9.07 3.55 1.41
N ALA A 52 9.39 3.92 2.65
CA ALA A 52 10.15 3.03 3.51
C ALA A 52 9.39 1.72 3.74
N TYR A 53 8.15 1.86 4.21
CA TYR A 53 7.38 0.67 4.54
C TYR A 53 6.96 -0.11 3.29
N LYS A 54 6.72 0.57 2.17
CA LYS A 54 6.36 -0.12 0.94
C LYS A 54 7.48 -1.08 0.55
N ASN A 55 8.73 -0.59 0.64
CA ASN A 55 9.86 -1.41 0.26
C ASN A 55 10.06 -2.57 1.24
N VAL A 56 9.92 -2.32 2.54
CA VAL A 56 10.07 -3.39 3.51
C VAL A 56 9.03 -4.48 3.26
N VAL A 57 7.75 -4.08 3.23
CA VAL A 57 6.68 -5.06 3.11
CA VAL A 57 6.70 -5.09 3.12
C VAL A 57 6.69 -5.69 1.72
N GLY A 58 7.13 -4.93 0.71
CA GLY A 58 7.23 -5.48 -0.64
C GLY A 58 8.19 -6.67 -0.70
N GLY A 59 9.34 -6.53 -0.02
CA GLY A 59 10.29 -7.64 0.08
C GLY A 59 9.70 -8.83 0.81
N GLN A 60 8.97 -8.56 1.91
CA GLN A 60 8.35 -9.65 2.66
C GLN A 60 7.28 -10.37 1.83
N ARG A 61 6.47 -9.61 1.08
CA ARG A 61 5.45 -10.20 0.23
C ARG A 61 6.09 -11.08 -0.83
N ALA A 62 7.16 -10.58 -1.47
CA ALA A 62 7.81 -11.38 -2.50
C ALA A 62 8.33 -12.68 -1.91
N ALA A 63 8.94 -12.61 -0.73
CA ALA A 63 9.45 -13.81 -0.06
C ALA A 63 8.32 -14.77 0.31
N TRP A 64 7.23 -14.22 0.85
CA TRP A 64 6.08 -15.01 1.23
C TRP A 64 5.54 -15.77 0.01
N ARG A 65 5.49 -15.11 -1.14
CA ARG A 65 4.95 -15.76 -2.33
C ARG A 65 5.84 -16.91 -2.79
N VAL A 66 7.16 -16.72 -2.72
CA VAL A 66 8.08 -17.80 -3.05
C VAL A 66 7.82 -19.01 -2.17
N LEU A 67 7.76 -18.77 -0.85
CA LEU A 67 7.62 -19.85 0.11
C LEU A 67 6.25 -20.53 0.01
N SER A 68 5.18 -19.73 -0.19
CA SER A 68 3.84 -20.26 -0.37
CA SER A 68 3.86 -20.28 -0.36
C SER A 68 3.76 -21.18 -1.59
N SER A 69 4.44 -20.79 -2.67
CA SER A 69 4.43 -21.61 -3.88
C SER A 69 5.12 -22.95 -3.62
N ILE A 70 6.23 -22.92 -2.88
CA ILE A 70 6.95 -24.13 -2.53
C ILE A 70 6.07 -25.03 -1.67
N GLU A 71 5.39 -24.42 -0.70
CA GLU A 71 4.52 -25.14 0.20
C GLU A 71 3.37 -25.80 -0.55
N GLN A 72 2.76 -25.04 -1.48
CA GLN A 72 1.68 -25.56 -2.31
C GLN A 72 2.13 -26.78 -3.10
N LYS A 73 3.31 -26.69 -3.72
CA LYS A 73 3.86 -27.80 -4.48
C LYS A 73 4.11 -29.03 -3.61
N SER A 74 4.54 -28.81 -2.36
CA SER A 74 4.78 -29.90 -1.43
C SER A 74 3.50 -30.65 -1.06
N ASN A 75 2.36 -29.97 -1.17
CA ASN A 75 1.07 -30.58 -0.82
C ASN A 75 0.31 -31.13 -2.03
N GLU A 76 1.00 -31.26 -3.18
CA GLU A 76 0.45 -31.92 -4.35
C GLU A 76 0.61 -33.44 -4.26
N GLU A 77 -0.22 -34.17 -5.03
CA GLU A 77 -0.08 -35.61 -5.14
C GLU A 77 1.28 -35.96 -5.74
N GLY A 78 1.95 -36.94 -5.12
CA GLY A 78 3.22 -37.44 -5.63
C GLY A 78 4.43 -36.68 -5.11
N SER A 79 4.19 -35.63 -4.31
CA SER A 79 5.26 -34.87 -3.69
C SER A 79 5.74 -35.61 -2.45
N GLU A 80 7.06 -35.74 -2.30
CA GLU A 80 7.66 -36.43 -1.17
C GLU A 80 7.52 -35.57 0.08
N GLU A 81 7.26 -36.23 1.22
CA GLU A 81 7.10 -35.56 2.50
C GLU A 81 8.45 -35.03 2.97
N LYS A 82 8.53 -33.72 3.21
CA LYS A 82 9.80 -33.10 3.60
C LYS A 82 9.76 -32.55 5.04
N GLY A 83 8.68 -32.87 5.77
CA GLY A 83 8.53 -32.41 7.14
C GLY A 83 7.93 -31.01 7.26
N PRO A 84 7.97 -30.43 8.49
CA PRO A 84 7.27 -29.18 8.79
C PRO A 84 8.00 -27.90 8.36
N GLU A 85 9.23 -28.04 7.82
CA GLU A 85 10.10 -26.89 7.67
C GLU A 85 9.59 -25.81 6.72
N VAL A 86 9.00 -26.21 5.60
CA VAL A 86 8.51 -25.22 4.64
C VAL A 86 7.39 -24.40 5.28
N ARG A 87 6.42 -25.09 5.88
CA ARG A 87 5.35 -24.41 6.57
C ARG A 87 5.88 -23.49 7.66
N GLU A 88 6.81 -24.00 8.48
CA GLU A 88 7.35 -23.23 9.58
C GLU A 88 7.98 -21.93 9.06
N TYR A 89 8.78 -22.04 7.99
CA TYR A 89 9.50 -20.88 7.52
C TYR A 89 8.56 -19.91 6.82
N ARG A 90 7.57 -20.42 6.08
CA ARG A 90 6.54 -19.56 5.52
C ARG A 90 5.82 -18.80 6.65
N GLU A 91 5.48 -19.53 7.73
CA GLU A 91 4.84 -18.92 8.90
CA GLU A 91 4.84 -18.91 8.89
C GLU A 91 5.71 -17.84 9.54
N LYS A 92 7.03 -18.08 9.60
CA LYS A 92 7.95 -17.10 10.16
C LYS A 92 7.91 -15.79 9.37
N VAL A 93 8.00 -15.91 8.05
CA VAL A 93 7.98 -14.74 7.18
C VAL A 93 6.62 -14.06 7.26
N GLU A 94 5.55 -14.86 7.27
CA GLU A 94 4.20 -14.34 7.40
C GLU A 94 4.01 -13.52 8.68
N THR A 95 4.53 -14.05 9.80
CA THR A 95 4.38 -13.37 11.07
C THR A 95 5.13 -12.03 11.05
N GLU A 96 6.32 -12.02 10.43
CA GLU A 96 7.09 -10.79 10.36
C GLU A 96 6.37 -9.76 9.49
N LEU A 97 5.80 -10.20 8.36
CA LEU A 97 5.01 -9.36 7.50
C LEU A 97 3.78 -8.77 8.22
N GLN A 98 3.05 -9.62 8.94
CA GLN A 98 1.91 -9.15 9.71
C GLN A 98 2.35 -8.13 10.76
N GLY A 99 3.53 -8.35 11.36
CA GLY A 99 4.06 -7.40 12.33
C GLY A 99 4.31 -6.02 11.72
N VAL A 100 4.88 -5.98 10.52
CA VAL A 100 5.12 -4.71 9.86
C VAL A 100 3.80 -4.02 9.53
N CYS A 101 2.84 -4.78 8.99
CA CYS A 101 1.53 -4.21 8.72
C CYS A 101 0.88 -3.64 9.97
N ASP A 102 0.95 -4.38 11.08
CA ASP A 102 0.37 -3.92 12.32
C ASP A 102 1.07 -2.65 12.80
N THR A 103 2.38 -2.55 12.58
CA THR A 103 3.13 -1.37 12.97
C THR A 103 2.62 -0.16 12.19
N VAL A 104 2.47 -0.31 10.86
CA VAL A 104 2.04 0.80 10.03
C VAL A 104 0.61 1.20 10.40
N LEU A 105 -0.28 0.20 10.54
CA LEU A 105 -1.65 0.48 10.90
C LEU A 105 -1.71 1.18 12.26
N GLY A 106 -0.81 0.78 13.18
CA GLY A 106 -0.73 1.42 14.48
C GLY A 106 -0.36 2.90 14.41
N LEU A 107 0.61 3.24 13.55
CA LEU A 107 0.97 4.63 13.36
C LEU A 107 -0.20 5.44 12.79
N LEU A 108 -0.91 4.84 11.84
CA LEU A 108 -2.04 5.53 11.24
C LEU A 108 -3.13 5.77 12.28
N ASP A 109 -3.36 4.78 13.14
CA ASP A 109 -4.41 4.89 14.15
C ASP A 109 -3.99 5.76 15.35
N SER A 110 -2.68 5.92 15.55
CA SER A 110 -2.16 6.60 16.73
C SER A 110 -0.99 7.50 16.33
N HIS A 111 -1.26 8.68 15.73
CA HIS A 111 -2.56 9.31 15.57
C HIS A 111 -2.64 10.04 14.23
N LEU A 112 -2.02 9.49 13.19
CA LEU A 112 -1.91 10.23 11.95
C LEU A 112 -3.25 10.55 11.30
N ILE A 113 -4.14 9.56 11.21
CA ILE A 113 -5.40 9.79 10.52
C ILE A 113 -6.25 10.82 11.26
N LYS A 114 -6.38 10.69 12.59
CA LYS A 114 -7.30 11.58 13.29
C LYS A 114 -6.89 13.05 13.23
N GLU A 115 -5.60 13.33 13.02
CA GLU A 115 -5.14 14.72 12.92
C GLU A 115 -5.07 15.25 11.50
N ALA A 116 -5.37 14.39 10.51
CA ALA A 116 -5.25 14.75 9.10
C ALA A 116 -6.58 15.32 8.60
N GLY A 117 -6.62 16.63 8.39
CA GLY A 117 -7.82 17.34 7.96
C GLY A 117 -7.83 17.77 6.50
N ASP A 118 -6.64 17.95 5.93
CA ASP A 118 -6.57 18.34 4.53
C ASP A 118 -6.77 17.10 3.68
N ALA A 119 -7.42 17.28 2.53
CA ALA A 119 -7.68 16.14 1.67
C ALA A 119 -6.42 15.37 1.29
N GLU A 120 -5.33 16.09 1.00
CA GLU A 120 -4.12 15.43 0.53
C GLU A 120 -3.51 14.54 1.61
N SER A 121 -3.59 14.96 2.87
CA SER A 121 -3.06 14.11 3.92
C SER A 121 -4.01 12.97 4.26
N ARG A 122 -5.30 13.32 4.44
CA ARG A 122 -6.26 12.34 4.89
C ARG A 122 -6.42 11.20 3.87
N VAL A 123 -6.53 11.55 2.59
CA VAL A 123 -6.64 10.53 1.55
C VAL A 123 -5.38 9.67 1.52
N PHE A 124 -4.20 10.31 1.62
CA PHE A 124 -2.96 9.57 1.60
C PHE A 124 -2.93 8.51 2.71
N TYR A 125 -3.29 8.91 3.93
CA TYR A 125 -3.25 7.98 5.05
C TYR A 125 -4.32 6.89 4.95
N LEU A 126 -5.51 7.25 4.47
CA LEU A 126 -6.56 6.25 4.32
C LEU A 126 -6.21 5.23 3.23
N LYS A 127 -5.55 5.70 2.16
CA LYS A 127 -4.99 4.80 1.17
C LYS A 127 -4.00 3.83 1.79
N MET A 128 -3.08 4.34 2.61
CA MET A 128 -2.14 3.47 3.29
C MET A 128 -2.88 2.44 4.15
N LYS A 129 -3.90 2.87 4.90
CA LYS A 129 -4.67 1.94 5.72
C LYS A 129 -5.27 0.83 4.87
N GLY A 130 -5.86 1.19 3.73
CA GLY A 130 -6.38 0.18 2.82
C GLY A 130 -5.31 -0.77 2.32
N ASP A 131 -4.16 -0.22 1.94
CA ASP A 131 -3.06 -1.01 1.42
C ASP A 131 -2.56 -2.04 2.45
N TYR A 132 -2.35 -1.60 3.70
CA TYR A 132 -1.79 -2.52 4.69
C TYR A 132 -2.81 -3.55 5.18
N TYR A 133 -4.10 -3.20 5.19
CA TYR A 133 -5.11 -4.23 5.38
C TYR A 133 -5.16 -5.19 4.19
N ARG A 134 -4.94 -4.67 2.97
CA ARG A 134 -4.87 -5.54 1.80
C ARG A 134 -3.72 -6.54 1.94
N TYR A 135 -2.56 -6.09 2.43
CA TYR A 135 -1.43 -7.01 2.59
C TYR A 135 -1.73 -8.06 3.66
N LEU A 136 -2.41 -7.66 4.74
CA LEU A 136 -2.88 -8.63 5.71
C LEU A 136 -3.85 -9.62 5.07
N ALA A 137 -4.71 -9.13 4.17
CA ALA A 137 -5.70 -9.99 3.52
C ALA A 137 -5.03 -11.03 2.62
N GLU A 138 -3.91 -10.64 1.99
CA GLU A 138 -3.22 -11.56 1.10
C GLU A 138 -2.79 -12.85 1.80
N VAL A 139 -2.49 -12.77 3.09
CA VAL A 139 -1.99 -13.93 3.82
C VAL A 139 -3.02 -14.52 4.79
N ALA A 140 -4.20 -13.90 4.89
CA ALA A 140 -5.23 -14.32 5.83
C ALA A 140 -5.93 -15.57 5.33
N THR A 141 -6.14 -16.51 6.25
CA THR A 141 -6.89 -17.73 6.00
C THR A 141 -7.86 -18.11 7.11
N GLY A 142 -8.07 -17.22 8.09
CA GLY A 142 -8.78 -17.58 9.31
C GLY A 142 -10.16 -16.93 9.49
N ASP A 143 -10.66 -16.99 10.73
CA ASP A 143 -11.99 -16.51 11.11
C ASP A 143 -12.16 -15.02 10.77
N ASP A 144 -11.04 -14.28 10.80
CA ASP A 144 -11.04 -12.85 10.58
C ASP A 144 -10.81 -12.36 9.16
N LYS A 145 -10.69 -13.29 8.20
CA LYS A 145 -10.33 -12.93 6.84
C LYS A 145 -11.34 -11.94 6.24
N LYS A 146 -12.63 -12.22 6.44
CA LYS A 146 -13.65 -11.35 5.91
C LYS A 146 -13.58 -9.96 6.54
N ARG A 147 -13.29 -9.91 7.84
CA ARG A 147 -13.22 -8.65 8.54
C ARG A 147 -12.00 -7.86 8.07
N ILE A 148 -10.87 -8.56 7.81
CA ILE A 148 -9.68 -7.88 7.31
C ILE A 148 -9.96 -7.28 5.93
N ILE A 149 -10.58 -8.08 5.06
CA ILE A 149 -10.98 -7.59 3.75
C ILE A 149 -11.88 -6.37 3.86
N ASP A 150 -12.87 -6.43 4.77
CA ASP A 150 -13.78 -5.31 4.90
C ASP A 150 -13.11 -4.05 5.45
N SER A 151 -12.11 -4.24 6.32
CA SER A 151 -11.32 -3.12 6.83
C SER A 151 -10.57 -2.43 5.69
N ALA A 152 -9.98 -3.22 4.79
CA ALA A 152 -9.34 -2.62 3.61
C ALA A 152 -10.36 -1.84 2.79
N ARG A 153 -11.47 -2.50 2.44
CA ARG A 153 -12.50 -1.88 1.63
CA ARG A 153 -12.51 -1.89 1.63
C ARG A 153 -12.98 -0.56 2.24
N SER A 154 -13.24 -0.57 3.54
CA SER A 154 -13.76 0.60 4.22
C SER A 154 -12.81 1.80 4.17
N ALA A 155 -11.52 1.53 4.39
CA ALA A 155 -10.52 2.58 4.33
C ALA A 155 -10.41 3.15 2.91
N TYR A 156 -10.32 2.26 1.92
CA TYR A 156 -10.28 2.69 0.53
C TYR A 156 -11.52 3.51 0.16
N GLN A 157 -12.70 3.06 0.60
CA GLN A 157 -13.92 3.74 0.24
C GLN A 157 -13.99 5.15 0.82
N GLU A 158 -13.58 5.30 2.10
CA GLU A 158 -13.56 6.64 2.70
C GLU A 158 -12.58 7.53 1.92
N ALA A 159 -11.41 6.99 1.55
CA ALA A 159 -10.42 7.74 0.79
C ALA A 159 -11.01 8.15 -0.57
N MET A 160 -11.72 7.22 -1.21
CA MET A 160 -12.31 7.49 -2.52
C MET A 160 -13.35 8.60 -2.43
N ASP A 161 -14.20 8.54 -1.39
CA ASP A 161 -15.24 9.53 -1.26
C ASP A 161 -14.65 10.94 -1.08
N ILE A 162 -13.63 11.06 -0.22
CA ILE A 162 -12.98 12.36 -0.03
C ILE A 162 -12.30 12.82 -1.32
N SER A 163 -11.60 11.90 -1.99
CA SER A 163 -10.83 12.26 -3.16
C SER A 163 -11.75 12.77 -4.28
N LYS A 164 -12.92 12.15 -4.43
CA LYS A 164 -13.82 12.59 -5.48
C LYS A 164 -14.42 13.97 -5.18
N LYS A 165 -14.64 14.26 -3.90
CA LYS A 165 -15.18 15.56 -3.50
C LYS A 165 -14.16 16.69 -3.55
N GLU A 166 -12.90 16.38 -3.19
CA GLU A 166 -11.94 17.40 -2.85
C GLU A 166 -10.72 17.58 -3.75
N MET A 167 -10.50 16.61 -4.66
CA MET A 167 -9.31 16.62 -5.50
C MET A 167 -9.71 16.52 -6.96
N PRO A 168 -8.91 17.12 -7.88
CA PRO A 168 -9.18 16.94 -9.30
C PRO A 168 -8.89 15.53 -9.76
N PRO A 169 -9.47 15.08 -10.88
CA PRO A 169 -9.32 13.70 -11.31
C PRO A 169 -7.90 13.32 -11.70
N THR A 170 -7.02 14.31 -11.92
CA THR A 170 -5.61 14.04 -12.22
C THR A 170 -4.70 14.05 -10.99
N ASN A 171 -5.24 14.36 -9.82
CA ASN A 171 -4.39 14.40 -8.63
C ASN A 171 -3.68 13.07 -8.46
N PRO A 172 -2.34 13.03 -8.29
CA PRO A 172 -1.63 11.75 -8.22
C PRO A 172 -2.05 10.86 -7.06
N ILE A 173 -2.40 11.45 -5.91
CA ILE A 173 -2.87 10.66 -4.78
CA ILE A 173 -2.88 10.68 -4.77
C ILE A 173 -4.20 10.00 -5.14
N ARG A 174 -5.11 10.78 -5.72
CA ARG A 174 -6.39 10.24 -6.17
C ARG A 174 -6.19 9.12 -7.18
N LEU A 175 -5.28 9.30 -8.13
CA LEU A 175 -5.02 8.30 -9.13
C LEU A 175 -4.43 7.02 -8.54
N GLY A 176 -3.45 7.17 -7.65
CA GLY A 176 -2.82 6.02 -7.01
C GLY A 176 -3.76 5.24 -6.11
N LEU A 177 -4.63 5.98 -5.41
CA LEU A 177 -5.68 5.36 -4.60
C LEU A 177 -6.55 4.50 -5.51
N ALA A 178 -7.01 5.05 -6.62
CA ALA A 178 -7.92 4.33 -7.52
C ALA A 178 -7.22 3.11 -8.12
N LEU A 179 -5.96 3.27 -8.52
CA LEU A 179 -5.17 2.14 -9.01
C LEU A 179 -5.18 1.00 -8.00
N ASN A 180 -4.84 1.32 -6.76
CA ASN A 180 -4.72 0.28 -5.75
C ASN A 180 -6.06 -0.32 -5.32
N PHE A 181 -7.10 0.52 -5.21
CA PHE A 181 -8.43 0.01 -4.88
C PHE A 181 -8.91 -0.91 -5.99
N SER A 182 -8.64 -0.57 -7.26
CA SER A 182 -8.95 -1.43 -8.38
CA SER A 182 -8.98 -1.44 -8.37
C SER A 182 -8.27 -2.79 -8.23
N VAL A 183 -6.98 -2.78 -7.86
CA VAL A 183 -6.27 -4.03 -7.59
C VAL A 183 -6.88 -4.81 -6.42
N PHE A 184 -7.26 -4.11 -5.34
CA PHE A 184 -8.02 -4.74 -4.26
C PHE A 184 -9.23 -5.49 -4.84
N HIS A 185 -10.04 -4.83 -5.67
CA HIS A 185 -11.21 -5.48 -6.22
C HIS A 185 -10.86 -6.73 -7.00
N TYR A 186 -9.80 -6.66 -7.82
CA TYR A 186 -9.43 -7.77 -8.68
C TYR A 186 -8.84 -8.95 -7.91
N GLU A 187 -7.91 -8.64 -7.00
CA GLU A 187 -7.07 -9.66 -6.38
C GLU A 187 -7.58 -10.16 -5.03
N ILE A 188 -8.32 -9.31 -4.31
CA ILE A 188 -8.77 -9.62 -2.96
C ILE A 188 -10.28 -9.87 -2.87
N ALA A 189 -11.07 -8.99 -3.49
CA ALA A 189 -12.52 -9.05 -3.36
C ALA A 189 -13.21 -9.91 -4.42
N ASN A 190 -12.46 -10.57 -5.30
CA ASN A 190 -13.04 -11.41 -6.33
C ASN A 190 -14.06 -10.64 -7.16
N SER A 191 -13.71 -9.40 -7.51
CA SER A 191 -14.59 -8.49 -8.21
C SER A 191 -13.87 -7.91 -9.42
N PRO A 192 -13.52 -8.73 -10.42
CA PRO A 192 -12.74 -8.21 -11.54
C PRO A 192 -13.50 -7.15 -12.35
N GLU A 193 -14.82 -7.28 -12.47
CA GLU A 193 -15.59 -6.29 -13.20
C GLU A 193 -15.52 -4.92 -12.52
N GLU A 194 -15.61 -4.88 -11.20
CA GLU A 194 -15.47 -3.63 -10.46
C GLU A 194 -14.07 -3.06 -10.64
N ALA A 195 -13.06 -3.94 -10.60
CA ALA A 195 -11.68 -3.51 -10.83
C ALA A 195 -11.49 -2.83 -12.17
N ILE A 196 -12.03 -3.46 -13.23
CA ILE A 196 -11.89 -2.94 -14.58
C ILE A 196 -12.67 -1.65 -14.75
N SER A 197 -13.90 -1.59 -14.23
CA SER A 197 -14.71 -0.38 -14.32
CA SER A 197 -14.71 -0.38 -14.34
C SER A 197 -14.03 0.80 -13.64
N LEU A 198 -13.51 0.57 -12.43
CA LEU A 198 -12.85 1.62 -11.70
C LEU A 198 -11.61 2.12 -12.44
N ALA A 199 -10.78 1.20 -12.93
CA ALA A 199 -9.58 1.62 -13.65
C ALA A 199 -9.92 2.41 -14.90
N LYS A 200 -10.93 1.96 -15.66
CA LYS A 200 -11.30 2.65 -16.88
CA LYS A 200 -11.35 2.62 -16.88
C LYS A 200 -11.88 4.04 -16.61
N THR A 201 -12.83 4.16 -15.67
CA THR A 201 -13.43 5.43 -15.35
CA THR A 201 -13.42 5.45 -15.38
C THR A 201 -12.37 6.41 -14.83
N THR A 202 -11.48 5.90 -13.98
CA THR A 202 -10.42 6.75 -13.44
C THR A 202 -9.55 7.28 -14.57
N PHE A 203 -9.12 6.39 -15.47
CA PHE A 203 -8.28 6.78 -16.60
C PHE A 203 -8.97 7.86 -17.43
N ASP A 204 -10.22 7.60 -17.81
CA ASP A 204 -10.93 8.48 -18.72
C ASP A 204 -11.18 9.86 -18.11
N GLU A 205 -11.52 9.91 -16.82
CA GLU A 205 -11.77 11.18 -16.17
C GLU A 205 -10.48 11.97 -16.01
N ALA A 206 -9.37 11.27 -15.78
CA ALA A 206 -8.07 11.93 -15.75
C ALA A 206 -7.68 12.48 -17.12
N MET A 207 -7.89 11.69 -18.18
CA MET A 207 -7.55 12.11 -19.53
C MET A 207 -8.19 13.46 -19.83
N ALA A 208 -9.47 13.59 -19.47
CA ALA A 208 -10.26 14.78 -19.72
C ALA A 208 -9.83 16.02 -18.94
N ASP A 209 -9.00 15.85 -17.91
CA ASP A 209 -8.54 16.95 -17.08
C ASP A 209 -7.08 17.31 -17.32
N LEU A 210 -6.37 16.54 -18.15
CA LEU A 210 -4.96 16.82 -18.39
C LEU A 210 -4.71 18.21 -18.96
N HIS A 211 -5.69 18.76 -19.68
CA HIS A 211 -5.51 20.05 -20.35
C HIS A 211 -5.29 21.19 -19.37
N THR A 212 -5.65 20.98 -18.09
CA THR A 212 -5.54 22.00 -17.05
C THR A 212 -4.15 22.09 -16.43
N LEU A 213 -3.28 21.13 -16.77
CA LEU A 213 -2.05 20.92 -16.03
C LEU A 213 -0.83 21.55 -16.68
N SER A 214 0.14 21.93 -15.84
CA SER A 214 1.49 22.22 -16.27
C SER A 214 2.19 20.98 -16.84
N GLU A 215 3.32 21.21 -17.51
CA GLU A 215 4.13 20.12 -18.02
C GLU A 215 4.53 19.15 -16.90
N ASP A 216 4.97 19.69 -15.76
CA ASP A 216 5.42 18.82 -14.69
C ASP A 216 4.27 18.02 -14.05
N SER A 217 3.12 18.65 -13.85
CA SER A 217 1.96 17.94 -13.32
C SER A 217 1.44 16.87 -14.30
N TYR A 218 1.46 17.23 -15.58
CA TYR A 218 1.11 16.30 -16.65
C TYR A 218 1.97 15.04 -16.62
N LYS A 219 3.28 15.21 -16.45
CA LYS A 219 4.19 14.08 -16.37
C LYS A 219 3.83 13.16 -15.20
N ASP A 220 3.58 13.76 -14.03
CA ASP A 220 3.26 13.01 -12.83
C ASP A 220 1.97 12.19 -13.02
N SER A 221 0.92 12.87 -13.50
CA SER A 221 -0.37 12.23 -13.66
C SER A 221 -0.36 11.14 -14.73
N THR A 222 0.30 11.41 -15.87
CA THR A 222 0.34 10.44 -16.94
C THR A 222 1.11 9.17 -16.57
N LEU A 223 2.11 9.28 -15.69
CA LEU A 223 2.82 8.09 -15.24
C LEU A 223 1.85 7.13 -14.55
N ILE A 224 0.99 7.64 -13.67
CA ILE A 224 0.08 6.75 -12.95
C ILE A 224 -1.04 6.29 -13.89
N MET A 225 -1.47 7.16 -14.81
CA MET A 225 -2.45 6.76 -15.80
C MET A 225 -1.96 5.56 -16.61
N GLN A 226 -0.66 5.52 -16.92
CA GLN A 226 -0.11 4.40 -17.67
C GLN A 226 -0.19 3.10 -16.87
N LEU A 227 -0.05 3.19 -15.54
CA LEU A 227 -0.21 2.01 -14.69
C LEU A 227 -1.64 1.48 -14.73
N LEU A 228 -2.63 2.39 -14.72
CA LEU A 228 -4.02 2.01 -14.90
C LEU A 228 -4.19 1.27 -16.22
N ARG A 229 -3.62 1.82 -17.30
CA ARG A 229 -3.70 1.22 -18.62
C ARG A 229 -3.04 -0.15 -18.63
N ASP A 230 -1.88 -0.27 -17.98
CA ASP A 230 -1.18 -1.54 -17.91
C ASP A 230 -2.02 -2.62 -17.24
N ASN A 231 -2.67 -2.26 -16.12
CA ASN A 231 -3.54 -3.21 -15.45
C ASN A 231 -4.72 -3.59 -16.34
N LEU A 232 -5.32 -2.60 -17.00
CA LEU A 232 -6.43 -2.89 -17.90
C LEU A 232 -5.99 -3.85 -18.99
N THR A 233 -4.79 -3.65 -19.53
CA THR A 233 -4.26 -4.55 -20.55
C THR A 233 -4.06 -5.97 -20.01
N LEU A 234 -3.59 -6.08 -18.77
CA LEU A 234 -3.42 -7.38 -18.14
C LEU A 234 -4.75 -8.11 -17.97
N TRP A 235 -5.82 -7.35 -17.71
CA TRP A 235 -7.10 -7.90 -17.27
C TRP A 235 -8.12 -8.09 -18.39
N THR A 236 -7.83 -7.56 -19.58
CA THR A 236 -8.75 -7.62 -20.70
C THR A 236 -8.09 -8.25 -21.93
N PHE B 1 1.97 -10.02 -11.53
CA PHE B 1 1.15 -9.25 -10.58
C PHE B 1 0.82 -7.87 -11.14
N PRO B 2 -0.33 -7.27 -10.76
CA PRO B 2 -0.69 -5.95 -11.25
C PRO B 2 0.04 -4.81 -10.52
N ALA B 3 0.03 -3.64 -11.15
CA ALA B 3 0.73 -2.48 -10.64
C ALA B 3 -0.05 -1.80 -9.51
N VAL B 5 0.89 1.48 -6.36
CA VAL B 5 1.84 2.50 -5.93
C VAL B 5 1.75 2.81 -4.48
#